data_9RPX
#
_entry.id   9RPX
#
_cell.length_a   68.037
_cell.length_b   89.912
_cell.length_c   44.841
_cell.angle_alpha   90.000
_cell.angle_beta   90.000
_cell.angle_gamma   90.000
#
_symmetry.space_group_name_H-M   'P 21 21 2'
#
loop_
_entity.id
_entity.type
_entity.pdbx_description
1 polymer 'FosA family fosfomycin resistance glutathione transferase'
2 non-polymer 1,2-ETHANEDIOL
3 non-polymer 'MANGANESE (II) ION'
4 non-polymer (1S)-1-(4-nitrophenyl)ethan-1-ol
5 non-polymer 'DIMETHYL SULFOXIDE'
6 water water
#
_entity_poly.entity_id   1
_entity_poly.type   'polypeptide(L)'
_entity_poly.pdbx_seq_one_letter_code
;MLSGLNHLTLAVSQLAPSVAFYQQLLGMTLHARWDSGAYLSCGDLWLCLSLDPQRRVTPPEESDYTHYAFSISEADFASF
AARLEAAGVAVWKLNRSEGASHYFLDPDGHKLELHVGSLAQRLAACREQPYKGMVFFEQHHHHHH
;
_entity_poly.pdbx_strand_id   A,B
#
loop_
_chem_comp.id
_chem_comp.type
_chem_comp.name
_chem_comp.formula
DMS non-polymer 'DIMETHYL SULFOXIDE' 'C2 H6 O S'
EDO non-polymer 1,2-ETHANEDIOL 'C2 H6 O2'
MN non-polymer 'MANGANESE (II) ION' 'Mn 2'
R8P non-polymer (1S)-1-(4-nitrophenyl)ethan-1-ol 'C8 H9 N O3'
#
# COMPACT_ATOMS: atom_id res chain seq x y z
N MET A 1 6.71 -12.35 14.17
CA MET A 1 7.01 -12.07 12.73
C MET A 1 6.08 -10.96 12.21
N LEU A 2 6.19 -10.64 10.93
CA LEU A 2 5.26 -9.67 10.35
C LEU A 2 3.94 -10.35 10.06
N SER A 3 2.84 -9.64 10.28
N SER A 3 2.85 -9.65 10.34
CA SER A 3 1.53 -10.27 10.24
CA SER A 3 1.53 -10.21 10.07
C SER A 3 0.54 -9.64 9.28
C SER A 3 0.62 -9.10 9.56
N GLY A 4 0.93 -8.65 8.50
N GLY A 4 0.61 -8.93 8.26
CA GLY A 4 0.04 -8.06 7.54
CA GLY A 4 -0.31 -8.04 7.62
C GLY A 4 0.35 -6.58 7.40
C GLY A 4 0.22 -6.63 7.47
N LEU A 5 -0.54 -5.87 6.71
CA LEU A 5 -0.33 -4.44 6.52
C LEU A 5 -0.99 -3.74 7.70
N ASN A 6 -0.20 -2.99 8.46
CA ASN A 6 -0.74 -2.21 9.57
C ASN A 6 -1.48 -0.98 9.06
N HIS A 7 -0.88 -0.28 8.11
CA HIS A 7 -1.55 0.85 7.48
C HIS A 7 -0.87 1.18 6.16
N LEU A 8 -1.65 1.84 5.29
CA LEU A 8 -1.19 2.44 4.04
C LEU A 8 -1.25 3.95 4.24
N THR A 9 -0.14 4.64 4.00
CA THR A 9 -0.10 6.10 4.06
C THR A 9 0.19 6.65 2.69
N LEU A 10 -0.70 7.50 2.20
CA LEU A 10 -0.54 8.16 0.92
C LEU A 10 -0.26 9.63 1.16
N ALA A 11 0.85 10.12 0.60
CA ALA A 11 1.11 11.55 0.63
C ALA A 11 0.17 12.23 -0.36
N VAL A 12 -0.42 13.35 0.06
CA VAL A 12 -1.36 14.09 -0.77
C VAL A 12 -0.94 15.55 -0.84
N SER A 13 -1.23 16.18 -1.97
CA SER A 13 -0.86 17.58 -2.15
C SER A 13 -1.91 18.54 -1.62
N GLN A 14 -3.18 18.14 -1.62
CA GLN A 14 -4.28 18.97 -1.16
C GLN A 14 -5.20 18.08 -0.35
N LEU A 15 -5.32 18.34 0.95
CA LEU A 15 -5.97 17.39 1.84
C LEU A 15 -7.46 17.24 1.53
N ALA A 16 -8.17 18.36 1.39
CA ALA A 16 -9.63 18.26 1.25
C ALA A 16 -10.06 17.50 0.00
N PRO A 17 -9.52 17.77 -1.18
CA PRO A 17 -9.92 16.95 -2.35
C PRO A 17 -9.58 15.49 -2.19
N SER A 18 -8.49 15.17 -1.50
N SER A 18 -8.49 15.17 -1.48
CA SER A 18 -8.15 13.77 -1.31
CA SER A 18 -8.14 13.77 -1.29
C SER A 18 -9.12 13.10 -0.32
C SER A 18 -9.11 13.10 -0.32
N VAL A 19 -9.46 13.77 0.78
CA VAL A 19 -10.46 13.22 1.69
C VAL A 19 -11.76 12.99 0.93
N ALA A 20 -12.17 13.96 0.13
CA ALA A 20 -13.42 13.82 -0.61
C ALA A 20 -13.35 12.63 -1.56
N PHE A 21 -12.21 12.42 -2.20
CA PHE A 21 -12.09 11.31 -3.13
C PHE A 21 -12.27 9.98 -2.41
N TYR A 22 -11.53 9.77 -1.31
CA TYR A 22 -11.57 8.46 -0.65
C TYR A 22 -12.86 8.28 0.14
N GLN A 23 -13.41 9.33 0.75
CA GLN A 23 -14.63 9.19 1.52
C GLN A 23 -15.87 9.28 0.64
N GLN A 24 -16.03 10.39 -0.08
CA GLN A 24 -17.26 10.57 -0.84
C GLN A 24 -17.32 9.67 -2.07
N LEU A 25 -16.26 9.63 -2.85
CA LEU A 25 -16.33 8.92 -4.12
C LEU A 25 -16.13 7.43 -3.94
N LEU A 26 -15.13 7.03 -3.15
CA LEU A 26 -14.86 5.62 -2.96
C LEU A 26 -15.62 5.00 -1.80
N GLY A 27 -16.25 5.80 -0.93
CA GLY A 27 -17.10 5.26 0.12
C GLY A 27 -16.38 4.78 1.35
N MET A 28 -15.11 5.13 1.51
CA MET A 28 -14.39 4.72 2.72
C MET A 28 -14.92 5.51 3.91
N THR A 29 -14.65 4.99 5.10
CA THR A 29 -15.14 5.58 6.34
C THR A 29 -14.11 6.56 6.86
N LEU A 30 -14.51 7.81 7.07
CA LEU A 30 -13.63 8.83 7.61
C LEU A 30 -13.76 8.82 9.13
N HIS A 31 -12.63 8.65 9.84
CA HIS A 31 -12.64 8.61 11.29
C HIS A 31 -12.18 9.91 11.93
N ALA A 32 -11.22 10.60 11.31
CA ALA A 32 -10.73 11.85 11.85
C ALA A 32 -9.99 12.58 10.75
N ARG A 33 -9.94 13.91 10.87
N ARG A 33 -9.97 13.90 10.86
CA ARG A 33 -9.17 14.74 9.96
CA ARG A 33 -9.16 14.74 9.99
C ARG A 33 -8.62 15.90 10.77
C ARG A 33 -8.56 15.84 10.84
N TRP A 34 -7.42 16.36 10.38
CA TRP A 34 -6.75 17.44 11.07
C TRP A 34 -6.09 18.29 10.01
N ASP A 35 -5.34 19.31 10.43
CA ASP A 35 -4.87 20.27 9.46
C ASP A 35 -3.94 19.63 8.43
N SER A 36 -3.28 18.52 8.80
N SER A 36 -3.27 18.53 8.78
CA SER A 36 -2.25 17.92 7.96
CA SER A 36 -2.30 17.96 7.85
C SER A 36 -2.50 16.46 7.60
C SER A 36 -2.51 16.46 7.62
N GLY A 37 -3.71 15.93 7.81
CA GLY A 37 -3.94 14.55 7.46
C GLY A 37 -5.34 14.10 7.77
N ALA A 38 -5.58 12.83 7.49
CA ALA A 38 -6.85 12.21 7.81
C ALA A 38 -6.65 10.71 7.99
N TYR A 39 -7.51 10.10 8.80
CA TYR A 39 -7.55 8.66 8.98
C TYR A 39 -8.88 8.12 8.48
N LEU A 40 -8.80 7.13 7.59
CA LEU A 40 -9.96 6.45 7.03
C LEU A 40 -9.78 4.95 7.20
N SER A 41 -10.89 4.24 7.11
CA SER A 41 -10.82 2.79 7.01
C SER A 41 -11.63 2.31 5.82
N CYS A 42 -11.18 1.17 5.29
CA CYS A 42 -11.85 0.48 4.19
C CYS A 42 -11.84 -0.99 4.61
N GLY A 43 -12.95 -1.44 5.16
CA GLY A 43 -12.91 -2.75 5.81
C GLY A 43 -11.87 -2.71 6.91
N ASP A 44 -10.96 -3.68 6.91
N ASP A 44 -10.95 -3.69 6.89
CA ASP A 44 -9.89 -3.73 7.91
CA ASP A 44 -9.89 -3.76 7.88
C ASP A 44 -8.72 -2.82 7.57
C ASP A 44 -8.66 -2.92 7.53
N LEU A 45 -8.65 -2.26 6.37
CA LEU A 45 -7.54 -1.38 6.02
C LEU A 45 -7.60 -0.04 6.76
N TRP A 46 -6.48 0.33 7.38
CA TRP A 46 -6.24 1.67 7.91
C TRP A 46 -5.50 2.46 6.84
N LEU A 47 -6.18 3.46 6.30
CA LEU A 47 -5.61 4.39 5.34
C LEU A 47 -5.34 5.73 5.99
N CYS A 48 -4.13 6.23 5.82
N CYS A 48 -4.13 6.22 5.84
CA CYS A 48 -3.76 7.57 6.27
CA CYS A 48 -3.79 7.57 6.28
C CYS A 48 -3.49 8.43 5.04
C CYS A 48 -3.49 8.43 5.06
N LEU A 49 -4.12 9.61 5.00
CA LEU A 49 -3.78 10.62 4.01
C LEU A 49 -2.94 11.67 4.72
N SER A 50 -1.75 11.94 4.18
CA SER A 50 -0.79 12.81 4.86
C SER A 50 -0.44 13.97 3.95
N LEU A 51 -0.82 15.18 4.37
CA LEU A 51 -0.50 16.36 3.58
C LEU A 51 1.01 16.52 3.50
N ASP A 52 1.54 16.53 2.29
CA ASP A 52 2.98 16.55 2.08
C ASP A 52 3.30 17.59 1.02
N PRO A 53 3.98 18.69 1.36
CA PRO A 53 4.39 19.65 0.33
C PRO A 53 5.24 19.04 -0.78
N GLN A 54 5.85 17.88 -0.54
N GLN A 54 5.85 17.88 -0.56
CA GLN A 54 6.66 17.22 -1.56
CA GLN A 54 6.66 17.24 -1.58
C GLN A 54 5.83 16.44 -2.57
C GLN A 54 5.88 16.31 -2.49
N ARG A 55 4.58 16.10 -2.25
CA ARG A 55 3.78 15.34 -3.19
C ARG A 55 3.48 16.12 -4.46
N ARG A 56 3.76 15.51 -5.60
CA ARG A 56 3.42 16.09 -6.88
C ARG A 56 2.29 15.31 -7.55
N VAL A 57 1.46 16.04 -8.27
CA VAL A 57 0.43 15.45 -9.12
C VAL A 57 1.16 14.82 -10.29
N THR A 58 1.12 13.49 -10.38
CA THR A 58 2.02 12.76 -11.24
C THR A 58 1.26 12.02 -12.33
N PRO A 59 1.51 12.33 -13.60
CA PRO A 59 0.83 11.60 -14.66
C PRO A 59 1.27 10.15 -14.65
N PRO A 60 0.40 9.24 -15.11
CA PRO A 60 0.69 7.81 -14.95
C PRO A 60 1.86 7.33 -15.79
N GLU A 61 2.19 8.04 -16.86
CA GLU A 61 3.33 7.67 -17.67
C GLU A 61 4.66 8.04 -17.02
N GLU A 62 4.63 8.84 -15.94
N GLU A 62 4.62 8.85 -15.94
CA GLU A 62 5.84 9.25 -15.26
CA GLU A 62 5.81 9.30 -15.22
C GLU A 62 5.95 8.65 -13.86
C GLU A 62 6.08 8.48 -13.96
N SER A 63 5.12 7.67 -13.52
CA SER A 63 5.33 6.83 -12.36
C SER A 63 5.43 5.37 -12.74
N ASP A 64 6.06 4.60 -11.88
CA ASP A 64 6.20 3.16 -12.09
C ASP A 64 4.88 2.46 -11.75
N TYR A 65 4.91 1.13 -11.81
CA TYR A 65 3.72 0.29 -11.69
C TYR A 65 3.26 0.09 -10.25
N THR A 66 3.91 0.67 -9.25
CA THR A 66 3.46 0.55 -7.87
C THR A 66 1.99 0.97 -7.79
N HIS A 67 1.15 0.15 -7.16
CA HIS A 67 -0.28 0.47 -7.13
C HIS A 67 -0.97 -0.23 -5.97
N TYR A 68 -2.20 0.24 -5.68
CA TYR A 68 -2.94 -0.20 -4.50
C TYR A 68 -4.31 -0.64 -4.98
N ALA A 69 -4.64 -1.90 -4.75
CA ALA A 69 -5.91 -2.46 -5.20
C ALA A 69 -6.83 -2.69 -4.02
N PHE A 70 -8.10 -2.36 -4.22
CA PHE A 70 -9.16 -2.51 -3.24
C PHE A 70 -10.12 -3.60 -3.68
N SER A 71 -10.58 -4.39 -2.71
CA SER A 71 -11.49 -5.48 -2.98
C SER A 71 -12.91 -5.00 -3.17
N ILE A 72 -13.58 -5.61 -4.13
CA ILE A 72 -14.98 -5.36 -4.41
C ILE A 72 -15.57 -6.67 -4.91
N SER A 73 -16.86 -6.84 -4.64
CA SER A 73 -17.49 -8.10 -5.00
C SER A 73 -17.79 -8.13 -6.49
N GLU A 74 -17.98 -9.35 -6.98
CA GLU A 74 -18.37 -9.53 -8.38
C GLU A 74 -19.66 -8.80 -8.71
N ALA A 75 -20.62 -8.79 -7.77
CA ALA A 75 -21.90 -8.12 -8.02
C ALA A 75 -21.76 -6.60 -8.13
N ASP A 76 -20.81 -5.98 -7.42
CA ASP A 76 -20.68 -4.53 -7.37
C ASP A 76 -19.67 -3.97 -8.36
N PHE A 77 -18.80 -4.81 -8.92
CA PHE A 77 -17.62 -4.34 -9.63
C PHE A 77 -17.98 -3.42 -10.80
N ALA A 78 -18.82 -3.91 -11.71
CA ALA A 78 -19.04 -3.19 -12.96
C ALA A 78 -19.72 -1.85 -12.71
N SER A 79 -20.69 -1.80 -11.81
N SER A 79 -20.71 -1.82 -11.81
CA SER A 79 -21.40 -0.54 -11.62
CA SER A 79 -21.43 -0.59 -11.54
C SER A 79 -20.52 0.49 -10.91
C SER A 79 -20.52 0.46 -10.91
N PHE A 80 -19.63 0.03 -10.02
CA PHE A 80 -18.71 0.95 -9.34
C PHE A 80 -17.71 1.50 -10.35
N ALA A 81 -17.13 0.63 -11.17
CA ALA A 81 -16.22 1.09 -12.23
C ALA A 81 -16.93 2.07 -13.16
N ALA A 82 -18.17 1.77 -13.55
CA ALA A 82 -18.87 2.66 -14.47
C ALA A 82 -19.16 4.00 -13.81
N ARG A 83 -19.43 4.01 -12.51
CA ARG A 83 -19.66 5.26 -11.81
C ARG A 83 -18.40 6.10 -11.76
N LEU A 84 -17.24 5.48 -11.48
CA LEU A 84 -15.99 6.21 -11.53
C LEU A 84 -15.76 6.79 -12.91
N GLU A 85 -16.05 6.01 -13.96
CA GLU A 85 -15.86 6.50 -15.32
C GLU A 85 -16.75 7.69 -15.59
N ALA A 86 -18.03 7.58 -15.22
CA ALA A 86 -18.96 8.66 -15.49
C ALA A 86 -18.61 9.92 -14.69
N ALA A 87 -17.97 9.75 -13.54
CA ALA A 87 -17.51 10.89 -12.74
C ALA A 87 -16.23 11.52 -13.27
N GLY A 88 -15.65 11.00 -14.34
CA GLY A 88 -14.48 11.60 -14.93
C GLY A 88 -13.16 11.18 -14.30
N VAL A 89 -13.15 10.12 -13.49
CA VAL A 89 -11.92 9.68 -12.85
C VAL A 89 -10.96 9.17 -13.91
N ALA A 90 -9.72 9.68 -13.89
CA ALA A 90 -8.71 9.30 -14.86
C ALA A 90 -8.27 7.87 -14.67
N VAL A 91 -7.78 7.26 -15.75
N VAL A 91 -7.81 7.24 -15.77
CA VAL A 91 -7.37 5.89 -15.70
CA VAL A 91 -7.47 5.82 -15.83
C VAL A 91 -5.88 5.79 -16.01
C VAL A 91 -6.03 5.67 -16.33
N TRP A 92 -5.41 4.56 -15.97
CA TRP A 92 -3.99 4.36 -16.21
C TRP A 92 -3.74 3.02 -16.85
N LYS A 93 -4.73 2.12 -16.87
CA LYS A 93 -4.49 0.83 -17.53
C LYS A 93 -5.82 0.25 -17.98
N LEU A 94 -5.78 -0.42 -19.13
CA LEU A 94 -6.97 -1.03 -19.71
C LEU A 94 -6.91 -2.56 -19.82
N ASN A 95 -5.74 -3.13 -20.09
CA ASN A 95 -5.60 -4.57 -20.30
C ASN A 95 -5.68 -5.29 -18.96
N ARG A 96 -6.61 -6.24 -18.85
CA ARG A 96 -6.82 -6.99 -17.62
C ARG A 96 -5.83 -8.15 -17.62
N SER A 97 -4.63 -7.88 -17.11
CA SER A 97 -3.57 -8.87 -17.08
C SER A 97 -3.53 -9.64 -15.78
N GLU A 98 -4.38 -9.31 -14.81
CA GLU A 98 -4.40 -9.99 -13.52
C GLU A 98 -5.85 -10.18 -13.08
N GLY A 99 -6.74 -10.48 -14.04
CA GLY A 99 -8.13 -10.77 -13.75
C GLY A 99 -9.05 -9.58 -13.86
N ALA A 100 -10.16 -9.63 -13.12
CA ALA A 100 -11.19 -8.59 -13.22
C ALA A 100 -10.75 -7.39 -12.39
N SER A 101 -10.28 -6.36 -13.09
CA SER A 101 -9.72 -5.18 -12.47
C SER A 101 -10.10 -3.93 -13.25
N HIS A 102 -10.25 -2.83 -12.51
CA HIS A 102 -10.43 -1.49 -13.07
C HIS A 102 -9.33 -0.61 -12.50
N TYR A 103 -8.57 0.05 -13.37
CA TYR A 103 -7.40 0.81 -12.98
C TYR A 103 -7.69 2.31 -13.08
N PHE A 104 -7.53 3.01 -11.97
CA PHE A 104 -7.89 4.42 -11.93
C PHE A 104 -6.91 5.16 -11.04
N LEU A 105 -6.93 6.49 -11.19
CA LEU A 105 -6.00 7.38 -10.51
C LEU A 105 -6.72 8.23 -9.47
N ASP A 106 -6.02 8.49 -8.35
CA ASP A 106 -6.51 9.46 -7.37
C ASP A 106 -6.07 10.85 -7.79
N PRO A 107 -6.47 11.89 -7.05
CA PRO A 107 -6.19 13.26 -7.50
C PRO A 107 -4.73 13.58 -7.67
N ASP A 108 -3.85 12.91 -6.95
CA ASP A 108 -2.42 13.13 -7.09
C ASP A 108 -1.75 12.16 -8.04
N GLY A 109 -2.52 11.29 -8.69
CA GLY A 109 -1.94 10.29 -9.55
C GLY A 109 -1.54 9.00 -8.86
N HIS A 110 -1.87 8.81 -7.58
CA HIS A 110 -1.63 7.49 -7.00
C HIS A 110 -2.41 6.47 -7.83
N LYS A 111 -1.75 5.36 -8.14
CA LYS A 111 -2.35 4.32 -8.98
C LYS A 111 -3.17 3.37 -8.14
N LEU A 112 -4.48 3.37 -8.38
CA LEU A 112 -5.43 2.54 -7.68
C LEU A 112 -6.06 1.52 -8.63
N GLU A 113 -6.76 0.57 -8.02
CA GLU A 113 -7.37 -0.55 -8.73
C GLU A 113 -8.54 -1.06 -7.92
N LEU A 114 -9.62 -1.40 -8.62
CA LEU A 114 -10.68 -2.25 -8.08
C LEU A 114 -10.38 -3.65 -8.58
N HIS A 115 -10.40 -4.64 -7.70
CA HIS A 115 -10.16 -6.01 -8.13
C HIS A 115 -11.14 -6.97 -7.46
N VAL A 116 -11.63 -7.92 -8.25
CA VAL A 116 -12.49 -9.00 -7.78
C VAL A 116 -11.61 -10.24 -7.64
N GLY A 117 -11.46 -10.73 -6.42
CA GLY A 117 -10.85 -12.03 -6.21
C GLY A 117 -9.66 -12.01 -5.27
N SER A 118 -9.41 -13.15 -4.64
CA SER A 118 -8.35 -13.33 -3.67
C SER A 118 -7.06 -13.79 -4.35
N LEU A 119 -5.99 -13.82 -3.56
CA LEU A 119 -4.74 -14.42 -4.02
C LEU A 119 -4.94 -15.88 -4.40
N ALA A 120 -5.68 -16.64 -3.57
CA ALA A 120 -5.90 -18.04 -3.90
C ALA A 120 -6.57 -18.17 -5.26
N GLN A 121 -7.55 -17.30 -5.54
CA GLN A 121 -8.25 -17.36 -6.81
C GLN A 121 -7.34 -16.96 -7.95
N ARG A 122 -6.45 -16.01 -7.72
N ARG A 122 -6.48 -15.97 -7.71
CA ARG A 122 -5.54 -15.59 -8.77
CA ARG A 122 -5.51 -15.56 -8.72
C ARG A 122 -4.53 -16.69 -9.08
C ARG A 122 -4.57 -16.71 -9.06
N LEU A 123 -4.03 -17.38 -8.04
CA LEU A 123 -3.11 -18.47 -8.28
C LEU A 123 -3.79 -19.57 -9.08
N ALA A 124 -5.04 -19.89 -8.74
CA ALA A 124 -5.74 -20.93 -9.50
C ALA A 124 -5.94 -20.51 -10.94
N ALA A 125 -6.29 -19.24 -11.16
CA ALA A 125 -6.43 -18.76 -12.54
C ALA A 125 -5.10 -18.85 -13.27
N CYS A 126 -4.01 -18.49 -12.58
CA CYS A 126 -2.69 -18.52 -13.21
C CYS A 126 -2.23 -19.93 -13.55
N ARG A 127 -2.67 -20.93 -12.81
CA ARG A 127 -2.31 -22.30 -13.18
C ARG A 127 -2.81 -22.63 -14.58
N GLU A 128 -3.99 -22.12 -14.96
CA GLU A 128 -4.55 -22.38 -16.27
C GLU A 128 -3.97 -21.45 -17.33
N GLN A 129 -3.62 -20.24 -16.94
CA GLN A 129 -3.16 -19.20 -17.85
C GLN A 129 -1.99 -18.54 -17.16
N PRO A 130 -0.87 -19.25 -17.07
CA PRO A 130 0.23 -18.73 -16.27
C PRO A 130 0.92 -17.56 -16.95
N TYR A 131 1.58 -16.73 -16.15
N TYR A 131 1.59 -16.76 -16.13
CA TYR A 131 2.51 -15.77 -16.68
CA TYR A 131 2.55 -15.81 -16.66
C TYR A 131 3.78 -16.50 -17.15
C TYR A 131 3.73 -16.56 -17.25
N LYS A 132 4.49 -15.89 -18.10
CA LYS A 132 5.69 -16.51 -18.64
C LYS A 132 6.70 -16.89 -17.56
N GLY A 133 7.13 -18.15 -17.56
CA GLY A 133 8.10 -18.61 -16.59
C GLY A 133 7.57 -18.89 -15.22
N MET A 134 6.26 -18.99 -15.05
CA MET A 134 5.70 -19.02 -13.72
C MET A 134 5.97 -20.36 -13.03
N VAL A 135 6.36 -20.26 -11.76
N VAL A 135 6.33 -20.27 -11.76
CA VAL A 135 6.52 -21.40 -10.87
CA VAL A 135 6.50 -21.43 -10.89
C VAL A 135 5.66 -21.16 -9.65
C VAL A 135 5.69 -21.17 -9.64
N PHE A 136 5.06 -22.23 -9.13
CA PHE A 136 4.22 -22.17 -7.94
C PHE A 136 4.93 -22.92 -6.84
N PHE A 137 4.90 -22.37 -5.64
CA PHE A 137 5.54 -22.99 -4.49
C PHE A 137 4.47 -23.55 -3.56
N MET B 1 -19.43 -1.36 -3.08
CA MET B 1 -18.75 -1.05 -1.79
C MET B 1 -17.40 -1.73 -1.70
N LEU B 2 -16.38 -0.99 -1.27
CA LEU B 2 -15.05 -1.57 -1.15
C LEU B 2 -14.91 -2.21 0.22
N SER B 3 -14.30 -3.39 0.25
CA SER B 3 -14.26 -4.20 1.47
C SER B 3 -12.90 -4.34 2.11
N GLY B 4 -11.85 -3.77 1.53
CA GLY B 4 -10.53 -3.85 2.11
C GLY B 4 -9.48 -3.63 1.05
N LEU B 5 -8.24 -3.77 1.48
CA LEU B 5 -7.12 -3.79 0.54
C LEU B 5 -7.04 -5.17 -0.09
N ASN B 6 -7.13 -5.21 -1.41
CA ASN B 6 -7.01 -6.47 -2.12
C ASN B 6 -5.55 -6.89 -2.29
N HIS B 7 -4.71 -5.99 -2.77
CA HIS B 7 -3.29 -6.27 -2.86
C HIS B 7 -2.50 -4.97 -2.94
N LEU B 8 -1.23 -5.08 -2.54
CA LEU B 8 -0.25 -4.03 -2.69
C LEU B 8 0.75 -4.50 -3.72
N THR B 9 0.99 -3.69 -4.75
CA THR B 9 1.97 -4.04 -5.76
C THR B 9 3.10 -3.02 -5.71
N LEU B 10 4.32 -3.52 -5.59
CA LEU B 10 5.51 -2.69 -5.59
C LEU B 10 6.28 -2.93 -6.89
N ALA B 11 6.56 -1.87 -7.62
CA ALA B 11 7.47 -1.96 -8.76
C ALA B 11 8.88 -2.11 -8.25
N VAL B 12 9.62 -3.05 -8.83
CA VAL B 12 10.99 -3.32 -8.42
C VAL B 12 11.92 -3.29 -9.63
N SER B 13 13.16 -2.88 -9.40
CA SER B 13 14.13 -2.78 -10.49
C SER B 13 14.82 -4.10 -10.78
N GLN B 14 15.00 -4.94 -9.76
CA GLN B 14 15.67 -6.24 -9.90
C GLN B 14 14.89 -7.25 -9.07
N LEU B 15 14.34 -8.27 -9.72
CA LEU B 15 13.42 -9.16 -9.01
C LEU B 15 14.13 -9.97 -7.93
N ALA B 16 15.31 -10.50 -8.22
CA ALA B 16 15.93 -11.39 -7.25
C ALA B 16 16.24 -10.73 -5.91
N PRO B 17 16.88 -9.56 -5.85
CA PRO B 17 17.12 -8.95 -4.53
C PRO B 17 15.83 -8.54 -3.84
N SER B 18 14.78 -8.23 -4.60
CA SER B 18 13.53 -7.88 -3.95
C SER B 18 12.86 -9.11 -3.34
N VAL B 19 12.89 -10.24 -4.05
CA VAL B 19 12.37 -11.46 -3.47
C VAL B 19 13.17 -11.84 -2.23
N ALA B 20 14.51 -11.73 -2.28
CA ALA B 20 15.30 -12.03 -1.10
C ALA B 20 14.91 -11.14 0.07
N PHE B 21 14.69 -9.85 -0.18
CA PHE B 21 14.36 -8.92 0.89
C PHE B 21 13.01 -9.26 1.51
N TYR B 22 11.98 -9.46 0.70
CA TYR B 22 10.66 -9.69 1.26
C TYR B 22 10.50 -11.11 1.80
N GLN B 23 11.02 -12.11 1.11
CA GLN B 23 10.88 -13.49 1.58
C GLN B 23 11.87 -13.82 2.69
N GLN B 24 13.17 -13.65 2.40
CA GLN B 24 14.17 -14.14 3.35
C GLN B 24 14.38 -13.18 4.51
N LEU B 25 14.60 -11.90 4.23
CA LEU B 25 14.87 -10.97 5.32
C LEU B 25 13.60 -10.68 6.12
N LEU B 26 12.51 -10.35 5.44
N LEU B 26 12.51 -10.36 5.44
CA LEU B 26 11.28 -9.98 6.14
CA LEU B 26 11.28 -9.98 6.13
C LEU B 26 10.41 -11.18 6.51
C LEU B 26 10.36 -11.17 6.45
N GLY B 27 10.67 -12.36 5.95
CA GLY B 27 9.93 -13.54 6.34
C GLY B 27 8.58 -13.76 5.70
N MET B 28 8.28 -13.07 4.62
CA MET B 28 7.01 -13.28 3.95
C MET B 28 7.01 -14.58 3.16
N THR B 29 5.82 -15.09 2.87
CA THR B 29 5.67 -16.36 2.20
C THR B 29 5.61 -16.15 0.69
N LEU B 30 6.50 -16.83 -0.03
CA LEU B 30 6.52 -16.76 -1.50
C LEU B 30 5.60 -17.83 -2.07
N HIS B 31 4.58 -17.39 -2.79
CA HIS B 31 3.62 -18.32 -3.39
C HIS B 31 3.89 -18.63 -4.85
N ALA B 32 4.41 -17.67 -5.61
CA ALA B 32 4.65 -17.89 -7.03
C ALA B 32 5.64 -16.83 -7.50
N ARG B 33 6.38 -17.18 -8.55
CA ARG B 33 7.30 -16.26 -9.19
C ARG B 33 7.28 -16.54 -10.68
N TRP B 34 7.42 -15.48 -11.47
CA TRP B 34 7.48 -15.61 -12.93
C TRP B 34 8.56 -14.68 -13.43
N ASP B 35 8.75 -14.65 -14.75
CA ASP B 35 9.89 -13.92 -15.27
C ASP B 35 9.87 -12.46 -14.85
N SER B 36 8.67 -11.89 -14.64
CA SER B 36 8.59 -10.47 -14.35
C SER B 36 7.86 -10.14 -13.05
N GLY B 37 7.77 -11.07 -12.11
CA GLY B 37 7.19 -10.68 -10.84
C GLY B 37 7.11 -11.83 -9.87
N ALA B 38 6.49 -11.55 -8.72
CA ALA B 38 6.28 -12.55 -7.69
C ALA B 38 5.06 -12.20 -6.86
N TYR B 39 4.44 -13.23 -6.29
CA TYR B 39 3.35 -13.07 -5.33
C TYR B 39 3.80 -13.61 -3.98
N LEU B 40 3.65 -12.79 -2.94
CA LEU B 40 3.94 -13.16 -1.57
C LEU B 40 2.73 -12.85 -0.71
N SER B 41 2.69 -13.45 0.46
CA SER B 41 1.71 -13.06 1.46
C SER B 41 2.40 -12.77 2.77
N CYS B 42 1.77 -11.91 3.55
CA CYS B 42 2.22 -11.53 4.88
C CYS B 42 0.93 -11.41 5.70
N GLY B 43 0.60 -12.44 6.48
CA GLY B 43 -0.73 -12.43 7.08
C GLY B 43 -1.76 -12.36 5.96
N ASP B 44 -2.73 -11.44 6.09
N ASP B 44 -2.74 -11.44 6.12
CA ASP B 44 -3.76 -11.26 5.09
CA ASP B 44 -3.78 -11.22 5.11
C ASP B 44 -3.35 -10.30 3.97
C ASP B 44 -3.28 -10.47 3.88
N LEU B 45 -2.12 -9.83 3.97
CA LEU B 45 -1.63 -9.02 2.86
C LEU B 45 -1.18 -9.87 1.67
N TRP B 46 -1.75 -9.58 0.50
CA TRP B 46 -1.27 -10.08 -0.77
C TRP B 46 -0.34 -9.02 -1.34
N LEU B 47 0.94 -9.36 -1.43
CA LEU B 47 1.97 -8.48 -1.98
C LEU B 47 2.37 -8.99 -3.35
N CYS B 48 2.43 -8.10 -4.31
N CYS B 48 2.44 -8.08 -4.31
CA CYS B 48 2.97 -8.42 -5.63
CA CYS B 48 2.97 -8.38 -5.63
C CYS B 48 4.23 -7.59 -5.85
C CYS B 48 4.24 -7.58 -5.85
N LEU B 49 5.31 -8.24 -6.26
CA LEU B 49 6.51 -7.57 -6.74
C LEU B 49 6.45 -7.62 -8.25
N SER B 50 6.54 -6.46 -8.90
CA SER B 50 6.42 -6.37 -10.35
C SER B 50 7.69 -5.76 -10.92
N LEU B 51 8.42 -6.56 -11.70
CA LEU B 51 9.63 -6.08 -12.33
C LEU B 51 9.29 -4.97 -13.32
N ASP B 52 9.91 -3.82 -13.13
CA ASP B 52 9.53 -2.65 -13.91
C ASP B 52 10.78 -1.86 -14.25
N PRO B 53 11.18 -1.80 -15.51
N PRO B 53 11.17 -1.81 -15.51
CA PRO B 53 12.39 -1.02 -15.86
CA PRO B 53 12.29 -0.94 -15.92
C PRO B 53 12.24 0.46 -15.60
C PRO B 53 12.09 0.52 -15.52
N GLN B 54 11.02 0.93 -15.33
N GLN B 54 10.83 0.93 -15.33
CA GLN B 54 10.81 2.32 -14.97
CA GLN B 54 10.55 2.30 -14.91
C GLN B 54 11.03 2.59 -13.50
C GLN B 54 11.08 2.59 -13.51
N ARG B 55 11.21 1.56 -12.67
CA ARG B 55 11.48 1.80 -11.26
C ARG B 55 12.89 2.32 -11.07
N ARG B 56 13.02 3.47 -10.42
N ARG B 56 13.01 3.48 -10.43
CA ARG B 56 14.31 4.04 -10.07
CA ARG B 56 14.29 4.07 -10.04
C ARG B 56 14.62 3.72 -8.61
C ARG B 56 14.61 3.71 -8.59
N VAL B 57 15.88 3.41 -8.33
CA VAL B 57 16.34 3.26 -6.96
C VAL B 57 16.37 4.66 -6.36
N THR B 58 15.45 4.95 -5.45
CA THR B 58 15.10 6.32 -5.14
C THR B 58 15.54 6.69 -3.75
N PRO B 59 16.46 7.65 -3.59
CA PRO B 59 16.83 8.08 -2.26
C PRO B 59 15.64 8.61 -1.51
N PRO B 60 15.60 8.48 -0.19
CA PRO B 60 14.40 8.87 0.55
C PRO B 60 14.15 10.36 0.53
N GLU B 61 15.20 11.18 0.37
CA GLU B 61 14.99 12.62 0.26
C GLU B 61 14.27 12.98 -1.04
N GLU B 62 14.22 12.07 -2.00
CA GLU B 62 13.66 12.35 -3.32
C GLU B 62 12.29 11.73 -3.52
N SER B 63 11.73 11.10 -2.51
CA SER B 63 10.39 10.57 -2.58
C SER B 63 9.55 11.24 -1.49
N ASP B 64 8.25 11.24 -1.72
CA ASP B 64 7.31 11.80 -0.76
C ASP B 64 7.06 10.79 0.37
N TYR B 65 6.16 11.14 1.28
CA TYR B 65 5.95 10.40 2.52
C TYR B 65 5.08 9.16 2.36
N THR B 66 4.64 8.84 1.15
CA THR B 66 3.87 7.62 0.94
C THR B 66 4.66 6.42 1.47
N HIS B 67 4.01 5.59 2.27
CA HIS B 67 4.75 4.47 2.87
C HIS B 67 3.80 3.35 3.27
N TYR B 68 4.40 2.18 3.55
CA TYR B 68 3.69 0.93 3.78
C TYR B 68 4.17 0.37 5.11
N ALA B 69 3.26 0.24 6.08
CA ALA B 69 3.60 -0.22 7.41
C ALA B 69 3.09 -1.63 7.61
N PHE B 70 3.94 -2.51 8.14
CA PHE B 70 3.60 -3.87 8.49
C PHE B 70 3.40 -4.02 9.98
N SER B 71 2.44 -4.85 10.37
CA SER B 71 2.17 -5.11 11.76
C SER B 71 3.16 -6.11 12.35
N ILE B 72 3.57 -5.83 13.58
CA ILE B 72 4.39 -6.73 14.38
C ILE B 72 3.98 -6.53 15.83
N SER B 73 4.15 -7.58 16.64
CA SER B 73 3.83 -7.43 18.05
C SER B 73 4.90 -6.61 18.76
N GLU B 74 4.50 -5.97 19.85
CA GLU B 74 5.48 -5.27 20.67
C GLU B 74 6.61 -6.19 21.10
N ALA B 75 6.28 -7.43 21.47
CA ALA B 75 7.30 -8.35 21.96
C ALA B 75 8.34 -8.67 20.90
N ASP B 76 7.94 -8.67 19.62
CA ASP B 76 8.85 -9.06 18.54
C ASP B 76 9.56 -7.86 17.91
N PHE B 77 9.12 -6.66 18.23
CA PHE B 77 9.58 -5.46 17.52
C PHE B 77 11.09 -5.28 17.59
N ALA B 78 11.67 -5.30 18.80
CA ALA B 78 13.07 -4.92 18.93
C ALA B 78 13.98 -5.90 18.21
N SER B 79 13.68 -7.19 18.27
N SER B 79 13.68 -7.20 18.29
CA SER B 79 14.57 -8.15 17.60
CA SER B 79 14.49 -8.21 17.61
C SER B 79 14.43 -8.07 16.09
C SER B 79 14.43 -8.02 16.11
N PHE B 80 13.25 -7.72 15.57
CA PHE B 80 13.11 -7.59 14.13
C PHE B 80 13.84 -6.33 13.66
N ALA B 81 13.73 -5.23 14.41
CA ALA B 81 14.51 -4.05 14.07
C ALA B 81 16.00 -4.35 14.08
N ALA B 82 16.46 -5.14 15.06
CA ALA B 82 17.87 -5.48 15.14
C ALA B 82 18.31 -6.34 13.96
N ARG B 83 17.42 -7.22 13.49
CA ARG B 83 17.68 -8.00 12.28
C ARG B 83 17.88 -7.09 11.07
N LEU B 84 16.99 -6.11 10.90
CA LEU B 84 17.15 -5.19 9.79
C LEU B 84 18.44 -4.40 9.91
N GLU B 85 18.77 -3.97 11.13
N GLU B 85 18.78 -3.98 11.13
CA GLU B 85 20.02 -3.24 11.33
CA GLU B 85 20.01 -3.24 11.31
C GLU B 85 21.22 -4.10 11.00
C GLU B 85 21.24 -4.10 11.02
N ALA B 86 21.21 -5.37 11.44
CA ALA B 86 22.33 -6.25 11.16
C ALA B 86 22.54 -6.41 9.65
N ALA B 87 21.43 -6.49 8.91
CA ALA B 87 21.46 -6.61 7.46
C ALA B 87 21.81 -5.30 6.76
N GLY B 88 21.99 -4.21 7.49
CA GLY B 88 22.40 -2.97 6.88
C GLY B 88 21.28 -2.20 6.23
N VAL B 89 20.04 -2.47 6.62
CA VAL B 89 18.91 -1.81 5.99
C VAL B 89 18.83 -0.38 6.48
N ALA B 90 18.73 0.56 5.54
CA ALA B 90 18.70 1.98 5.91
C ALA B 90 17.38 2.41 6.54
N VAL B 91 17.50 3.31 7.52
CA VAL B 91 16.37 3.97 8.18
C VAL B 91 16.15 5.33 7.54
N TRP B 92 14.89 5.68 7.32
CA TRP B 92 14.56 6.95 6.69
C TRP B 92 13.91 7.97 7.62
N LYS B 93 13.61 7.62 8.86
CA LYS B 93 12.91 8.50 9.80
C LYS B 93 13.04 7.90 11.19
N LEU B 94 13.12 8.77 12.21
CA LEU B 94 13.03 8.31 13.60
C LEU B 94 11.59 8.35 14.08
N ASN B 95 11.24 7.47 15.01
CA ASN B 95 9.88 7.46 15.55
C ASN B 95 9.68 8.59 16.55
N ARG B 96 8.59 9.36 16.34
CA ARG B 96 8.16 10.42 17.26
C ARG B 96 6.66 10.39 17.57
N SER B 97 5.97 9.30 17.21
N SER B 97 5.97 9.28 17.26
CA SER B 97 4.52 9.16 17.41
CA SER B 97 4.54 9.17 17.47
C SER B 97 4.24 8.00 18.37
C SER B 97 4.22 7.89 18.22
N GLU B 98 2.96 7.76 18.64
CA GLU B 98 2.61 6.72 19.61
C GLU B 98 2.68 5.36 18.94
N GLY B 99 3.08 4.37 19.72
CA GLY B 99 3.30 3.04 19.20
C GLY B 99 4.68 2.92 18.60
N ALA B 100 5.33 1.80 18.87
CA ALA B 100 6.64 1.56 18.31
C ALA B 100 6.58 1.58 16.79
N SER B 101 7.55 2.26 16.17
CA SER B 101 7.69 2.27 14.72
C SER B 101 9.16 2.27 14.35
N HIS B 102 9.50 1.49 13.32
CA HIS B 102 10.83 1.44 12.74
C HIS B 102 10.65 1.73 11.26
N TYR B 103 11.32 2.77 10.76
CA TYR B 103 11.11 3.27 9.40
C TYR B 103 12.30 2.88 8.54
N PHE B 104 12.09 1.98 7.58
CA PHE B 104 13.20 1.39 6.83
C PHE B 104 12.89 1.36 5.34
N LEU B 105 13.95 1.22 4.53
CA LEU B 105 13.86 1.31 3.08
C LEU B 105 14.06 -0.07 2.45
N ASP B 106 13.29 -0.37 1.40
CA ASP B 106 13.52 -1.58 0.61
C ASP B 106 14.61 -1.31 -0.42
N PRO B 107 15.03 -2.33 -1.18
CA PRO B 107 16.18 -2.16 -2.08
C PRO B 107 16.00 -1.08 -3.14
N ASP B 108 14.76 -0.73 -3.47
CA ASP B 108 14.49 0.31 -4.44
C ASP B 108 14.14 1.64 -3.81
N GLY B 109 14.19 1.74 -2.48
CA GLY B 109 13.79 2.96 -1.81
C GLY B 109 12.33 3.05 -1.47
N HIS B 110 11.56 1.98 -1.64
CA HIS B 110 10.20 2.03 -1.13
C HIS B 110 10.25 2.26 0.38
N LYS B 111 9.42 3.15 0.86
CA LYS B 111 9.41 3.50 2.29
C LYS B 111 8.52 2.54 3.04
N LEU B 112 9.11 1.82 3.98
CA LEU B 112 8.43 0.82 4.78
C LEU B 112 8.49 1.21 6.25
N GLU B 113 7.69 0.51 7.05
CA GLU B 113 7.61 0.77 8.47
C GLU B 113 7.20 -0.52 9.15
N LEU B 114 7.78 -0.78 10.33
CA LEU B 114 7.22 -1.73 11.28
C LEU B 114 6.44 -0.90 12.29
N HIS B 115 5.18 -1.27 12.56
CA HIS B 115 4.41 -0.52 13.54
C HIS B 115 3.66 -1.46 14.45
N VAL B 116 3.65 -1.11 15.73
CA VAL B 116 2.86 -1.78 16.76
C VAL B 116 1.68 -0.87 17.10
N GLY B 117 0.47 -1.37 16.87
CA GLY B 117 -0.72 -0.65 17.26
C GLY B 117 -1.71 -0.46 16.14
N SER B 118 -2.97 -0.39 16.50
CA SER B 118 -4.09 -0.35 15.57
C SER B 118 -4.57 1.08 15.34
N LEU B 119 -5.47 1.22 14.38
CA LEU B 119 -6.17 2.49 14.21
C LEU B 119 -6.93 2.87 15.48
N ALA B 120 -7.59 1.90 16.11
CA ALA B 120 -8.33 2.20 17.35
C ALA B 120 -7.41 2.75 18.42
N GLN B 121 -6.20 2.20 18.53
CA GLN B 121 -5.24 2.69 19.53
C GLN B 121 -4.83 4.12 19.20
N ARG B 122 -4.57 4.39 17.92
CA ARG B 122 -4.18 5.73 17.51
C ARG B 122 -5.30 6.73 17.76
N LEU B 123 -6.54 6.35 17.41
CA LEU B 123 -7.65 7.26 17.63
C LEU B 123 -7.83 7.55 19.12
N ALA B 124 -7.67 6.53 19.97
CA ALA B 124 -7.79 6.77 21.41
C ALA B 124 -6.74 7.76 21.88
N ALA B 125 -5.49 7.61 21.42
CA ALA B 125 -4.44 8.54 21.82
C ALA B 125 -4.75 9.93 21.31
N CYS B 126 -5.27 10.03 20.08
CA CYS B 126 -5.57 11.33 19.50
C CYS B 126 -6.72 12.01 20.22
N ARG B 127 -7.71 11.25 20.69
N ARG B 127 -7.72 11.25 20.68
CA ARG B 127 -8.82 11.87 21.41
CA ARG B 127 -8.81 11.88 21.41
C ARG B 127 -8.32 12.54 22.68
C ARG B 127 -8.30 12.55 22.67
N GLU B 128 -7.32 11.93 23.33
CA GLU B 128 -6.74 12.51 24.54
C GLU B 128 -5.85 13.72 24.23
N GLN B 129 -5.18 13.71 23.07
CA GLN B 129 -4.20 14.74 22.73
C GLN B 129 -4.33 15.02 21.25
N PRO B 130 -5.37 15.76 20.86
CA PRO B 130 -5.65 15.89 19.42
C PRO B 130 -4.59 16.69 18.70
N TYR B 131 -4.33 16.28 17.46
CA TYR B 131 -3.47 17.05 16.59
C TYR B 131 -4.12 18.39 16.29
N LYS B 132 -3.30 19.33 15.79
CA LYS B 132 -3.82 20.66 15.47
C LYS B 132 -4.90 20.58 14.40
N GLY B 133 -6.07 21.14 14.73
CA GLY B 133 -7.22 21.14 13.85
C GLY B 133 -8.01 19.85 13.80
N MET B 134 -7.82 18.96 14.76
CA MET B 134 -8.39 17.63 14.64
C MET B 134 -9.86 17.63 14.97
N VAL B 135 -10.62 16.95 14.10
N VAL B 135 -10.64 16.98 14.12
CA VAL B 135 -12.06 16.71 14.18
CA VAL B 135 -12.03 16.70 14.42
C VAL B 135 -12.27 15.20 14.08
C VAL B 135 -12.29 15.23 14.10
N PHE B 136 -13.20 14.66 14.86
CA PHE B 136 -13.55 13.24 14.82
C PHE B 136 -14.94 13.08 14.24
N PHE B 137 -15.18 11.90 13.65
CA PHE B 137 -16.48 11.61 13.03
C PHE B 137 -17.02 10.31 13.56
C1 EDO C . 4.67 15.29 5.32
O1 EDO C . 3.67 14.34 5.00
C2 EDO C . 5.73 14.64 6.17
O2 EDO C . 5.12 13.99 7.27
H11 EDO C . 4.30 16.04 5.81
H12 EDO C . 5.08 15.64 4.52
HO1 EDO C . 3.09 14.73 4.51
H21 EDO C . 6.36 15.33 6.44
H22 EDO C . 6.22 14.01 5.61
HO2 EDO C . 5.73 13.65 7.75
MN MN D . -3.05 -4.99 -9.29
C4 R8P E . -12.93 20.13 8.11
C5 R8P E . -14.06 19.42 7.77
C6 R8P E . -14.90 19.84 6.76
C7 R8P E . -14.61 21.01 6.09
O1 R8P E . -13.77 18.01 9.57
N R8P E . -14.41 18.23 8.55
O R8P E . -15.35 17.55 8.17
C3 R8P E . -12.65 21.30 7.43
C2 R8P E . -13.48 21.76 6.41
C1 R8P E . -13.18 23.04 5.68
O2 R8P E . -12.10 23.71 6.33
C R8P E . -12.82 22.86 4.23
H1 R8P E . -12.33 19.84 8.82
H2 R8P E . -15.70 19.32 6.51
H3 R8P E . -15.21 21.30 5.38
H4 R8P E . -11.85 21.81 7.67
H5 R8P E . -13.98 23.61 5.71
H6 R8P E . -11.39 23.33 6.08
H7 R8P E . -13.60 22.64 3.68
H8 R8P E . -12.42 23.67 3.85
H9 R8P E . -12.16 22.14 4.11
S DMS F . -4.27 -13.79 2.07
O DMS F . -5.30 -14.18 1.02
C1 DMS F . -3.11 -12.71 1.20
C2 DMS F . -3.14 -15.18 2.29
H11 DMS F . -2.94 -13.06 0.31
H12 DMS F . -2.27 -12.67 1.70
H13 DMS F . -3.47 -11.82 1.14
H21 DMS F . -3.06 -15.68 1.47
H22 DMS F . -3.47 -15.78 2.99
H23 DMS F . -2.26 -14.85 2.55
MN MN G . 3.18 5.19 9.22
#